data_1MU5
#
_entry.id   1MU5
#
_cell.length_a   94.091
_cell.length_b   110.968
_cell.length_c   54.544
_cell.angle_alpha   90.00
_cell.angle_beta   90.00
_cell.angle_gamma   90.00
#
_symmetry.space_group_name_H-M   'P 21 21 2'
#
loop_
_entity.id
_entity.type
_entity.pdbx_description
1 polymer 'Type II DNA topoisomerase VI Subunit B'
2 non-polymer 'CALCIUM ION'
3 water water
#
_entity_poly.entity_id   1
_entity_poly.type   'polypeptide(L)'
_entity_poly.pdbx_seq_one_letter_code
;GASAKEKFTSLSPAEFFKRNPELAGFPNPARALYQTVRELIENSLDATDVHGILPNIKITIDLIDDARQIYKVNVVDNGI
GIPPQEVPNAFGRVLYSSKYVNRQTRGMYGLGVKAAVLYSQMHQDKPIEIETSPVNSKRIYTFKLKIDINKNEPIIVERG
SVENTRGFHGTSVAISIPGDWPKAKSRIYEYIKRTYIITPYAEFIFKDPEGNVTYYPRLTNKIPKPPQEVKPHPYGVDRE
EIKILINNLKRDYTIKEFLVNEFQSIGDTTADKILELAGLKPNKKVKNLTEEEITRLVETFKKYEDFRSPSADSLSVIGE
DLIELGLKKIFNPDFAASITRKPKAYQGHPFIVEAGVAFGGSIPVGEEPIVLRYANKIPLIYDEKSDVIWKVVEELDWKR
YGIESDQYQMVVMVHLCSTKIPYKSAGKESIAEVEDIEKEIKNALMEVARKLKQYLSEKRKEQEAKKKLLA
;
_entity_poly.pdbx_strand_id   A
#
loop_
_chem_comp.id
_chem_comp.type
_chem_comp.name
_chem_comp.formula
CA non-polymer 'CALCIUM ION' 'Ca 2'
#
# COMPACT_ATOMS: atom_id res chain seq x y z
N LEU A 11 12.94 23.08 -0.96
CA LEU A 11 12.26 22.60 -2.18
C LEU A 11 10.92 21.95 -1.88
N SER A 12 9.98 22.10 -2.80
CA SER A 12 8.66 21.49 -2.68
C SER A 12 8.74 20.04 -3.17
N PRO A 13 7.85 19.16 -2.72
CA PRO A 13 7.81 17.78 -3.23
C PRO A 13 7.85 17.65 -4.71
N ALA A 14 7.17 18.57 -5.36
CA ALA A 14 7.12 18.55 -6.78
C ALA A 14 8.47 18.89 -7.38
N GLU A 15 9.11 19.95 -6.89
CA GLU A 15 10.38 20.33 -7.45
C GLU A 15 11.44 19.29 -7.13
N PHE A 16 11.39 18.75 -5.92
CA PHE A 16 12.35 17.72 -5.56
C PHE A 16 12.20 16.51 -6.51
N PHE A 17 10.95 16.16 -6.81
CA PHE A 17 10.65 15.06 -7.73
C PHE A 17 11.29 15.31 -9.09
N LYS A 18 11.08 16.51 -9.62
CA LYS A 18 11.59 16.85 -10.93
C LYS A 18 13.10 16.71 -11.01
N ARG A 19 13.78 17.12 -9.96
CA ARG A 19 15.24 17.04 -9.93
C ARG A 19 15.76 15.68 -9.58
N ASN A 20 14.95 14.87 -8.88
CA ASN A 20 15.39 13.57 -8.43
C ASN A 20 14.37 12.46 -8.71
N PRO A 21 13.99 12.30 -9.98
CA PRO A 21 12.94 11.35 -10.38
C PRO A 21 13.31 9.92 -10.01
N GLU A 22 14.61 9.61 -10.05
CA GLU A 22 15.10 8.27 -9.75
C GLU A 22 14.86 7.87 -8.28
N LEU A 23 14.56 8.86 -7.45
CA LEU A 23 14.32 8.60 -6.03
C LEU A 23 12.84 8.42 -5.75
N ALA A 24 12.03 8.67 -6.76
CA ALA A 24 10.58 8.62 -6.61
C ALA A 24 9.94 7.54 -7.48
N GLY A 25 10.75 6.61 -7.98
CA GLY A 25 10.21 5.52 -8.78
C GLY A 25 10.20 5.78 -10.28
N PHE A 26 10.75 6.91 -10.69
CA PHE A 26 10.74 7.27 -12.11
C PHE A 26 12.15 7.56 -12.64
N PRO A 27 13.08 6.59 -12.56
CA PRO A 27 14.47 6.79 -13.00
C PRO A 27 14.61 6.78 -14.52
N ASN A 28 13.70 6.09 -15.20
CA ASN A 28 13.76 5.95 -16.65
C ASN A 28 12.35 5.60 -17.15
N PRO A 29 12.13 5.64 -18.46
CA PRO A 29 10.80 5.32 -19.01
C PRO A 29 10.26 3.93 -18.66
N ALA A 30 11.10 2.88 -18.60
CA ALA A 30 10.60 1.54 -18.23
C ALA A 30 9.96 1.53 -16.84
N ARG A 31 10.66 2.11 -15.88
CA ARG A 31 10.15 2.17 -14.53
C ARG A 31 8.97 3.14 -14.44
N ALA A 32 9.03 4.21 -15.22
CA ALA A 32 7.94 5.19 -15.27
C ALA A 32 6.64 4.52 -15.67
N LEU A 33 6.74 3.63 -16.66
CA LEU A 33 5.58 2.92 -17.18
C LEU A 33 5.05 1.95 -16.12
N TYR A 34 5.96 1.19 -15.53
CA TYR A 34 5.63 0.26 -14.44
C TYR A 34 5.03 0.99 -13.23
N GLN A 35 5.59 2.14 -12.88
CA GLN A 35 5.11 2.90 -11.72
C GLN A 35 3.73 3.54 -11.94
N THR A 36 3.51 4.03 -13.15
CA THR A 36 2.25 4.65 -13.50
C THR A 36 1.14 3.63 -13.39
N VAL A 37 1.42 2.45 -13.91
CA VAL A 37 0.46 1.36 -13.81
C VAL A 37 0.16 1.06 -12.34
N ARG A 38 1.19 0.93 -11.51
CA ARG A 38 0.90 0.62 -10.12
C ARG A 38 0.15 1.72 -9.39
N GLU A 39 0.51 2.99 -9.63
CA GLU A 39 -0.15 4.09 -8.95
C GLU A 39 -1.67 4.06 -9.29
N LEU A 40 -1.99 3.80 -10.56
CA LEU A 40 -3.39 3.76 -10.97
C LEU A 40 -4.14 2.57 -10.39
N ILE A 41 -3.53 1.37 -10.42
CA ILE A 41 -4.20 0.20 -9.87
C ILE A 41 -4.38 0.39 -8.37
N GLU A 42 -3.36 0.91 -7.74
CA GLU A 42 -3.46 1.15 -6.31
C GLU A 42 -4.57 2.12 -5.89
N ASN A 43 -4.71 3.22 -6.62
CA ASN A 43 -5.80 4.16 -6.32
C ASN A 43 -7.16 3.52 -6.56
N SER A 44 -7.26 2.72 -7.62
CA SER A 44 -8.52 2.08 -7.94
C SER A 44 -8.93 1.06 -6.87
N LEU A 45 -7.94 0.36 -6.31
CA LEU A 45 -8.23 -0.59 -5.25
C LEU A 45 -8.66 0.14 -4.00
N ASP A 46 -7.98 1.23 -3.67
CA ASP A 46 -8.32 2.03 -2.50
C ASP A 46 -9.65 2.73 -2.70
N ALA A 47 -10.06 2.88 -3.96
CA ALA A 47 -11.35 3.50 -4.24
C ALA A 47 -12.49 2.49 -4.22
N THR A 48 -12.16 1.21 -4.11
CA THR A 48 -13.18 0.18 -4.16
C THR A 48 -13.33 -0.61 -2.86
N ASP A 49 -12.34 -1.46 -2.58
CA ASP A 49 -12.45 -2.39 -1.47
C ASP A 49 -12.50 -1.72 -0.09
N VAL A 50 -11.87 -0.56 0.03
CA VAL A 50 -11.89 0.17 1.27
C VAL A 50 -13.30 0.66 1.57
N HIS A 51 -14.15 0.71 0.54
CA HIS A 51 -15.52 1.21 0.69
C HIS A 51 -16.54 0.09 0.48
N GLY A 52 -16.08 -1.14 0.55
CA GLY A 52 -16.96 -2.31 0.53
C GLY A 52 -17.39 -2.74 -0.86
N ILE A 53 -16.68 -2.26 -1.88
CA ILE A 53 -17.03 -2.60 -3.26
C ILE A 53 -16.05 -3.60 -3.84
N LEU A 54 -16.58 -4.67 -4.42
CA LEU A 54 -15.74 -5.66 -5.08
C LEU A 54 -15.10 -4.97 -6.30
N PRO A 55 -13.78 -4.84 -6.31
CA PRO A 55 -13.09 -4.13 -7.40
C PRO A 55 -13.20 -4.83 -8.75
N ASN A 56 -13.72 -4.12 -9.75
CA ASN A 56 -13.70 -4.62 -11.11
C ASN A 56 -12.80 -3.65 -11.83
N ILE A 57 -11.57 -4.06 -12.14
CA ILE A 57 -10.59 -3.11 -12.63
C ILE A 57 -10.11 -3.48 -14.04
N LYS A 58 -10.10 -2.48 -14.94
CA LYS A 58 -9.63 -2.69 -16.30
C LYS A 58 -8.37 -1.87 -16.52
N ILE A 59 -7.32 -2.53 -16.99
CA ILE A 59 -6.04 -1.89 -17.26
C ILE A 59 -5.67 -2.05 -18.73
N THR A 60 -5.50 -0.93 -19.44
CA THR A 60 -5.02 -1.05 -20.82
C THR A 60 -3.80 -0.19 -21.00
N ILE A 61 -2.81 -0.70 -21.71
CA ILE A 61 -1.66 0.10 -22.07
C ILE A 61 -1.56 0.08 -23.59
N ASP A 62 -1.47 1.26 -24.19
CA ASP A 62 -1.37 1.36 -25.64
C ASP A 62 -0.14 2.15 -26.03
N LEU A 63 0.59 1.68 -27.04
CA LEU A 63 1.71 2.43 -27.63
C LEU A 63 1.08 3.50 -28.54
N ILE A 64 1.25 4.77 -28.20
CA ILE A 64 0.62 5.81 -29.00
C ILE A 64 1.60 6.55 -29.90
N ASP A 65 2.89 6.43 -29.60
CA ASP A 65 3.91 7.05 -30.42
C ASP A 65 5.13 6.13 -30.44
N ASP A 66 5.26 5.38 -31.54
CA ASP A 66 6.31 4.38 -31.72
C ASP A 66 7.71 4.96 -31.60
N ALA A 67 8.00 5.97 -32.39
CA ALA A 67 9.34 6.52 -32.44
C ALA A 67 9.78 7.11 -31.10
N ARG A 68 8.89 7.82 -30.42
CA ARG A 68 9.32 8.40 -29.16
C ARG A 68 8.83 7.62 -27.98
N GLN A 69 8.22 6.47 -28.26
CA GLN A 69 7.86 5.54 -27.19
C GLN A 69 7.01 6.17 -26.11
N ILE A 70 5.88 6.70 -26.52
CA ILE A 70 4.90 7.20 -25.59
C ILE A 70 3.77 6.19 -25.50
N TYR A 71 3.36 5.91 -24.29
CA TYR A 71 2.33 4.94 -24.03
C TYR A 71 1.21 5.61 -23.29
N LYS A 72 -0.01 5.20 -23.60
CA LYS A 72 -1.15 5.68 -22.88
C LYS A 72 -1.61 4.60 -21.93
N VAL A 73 -1.64 4.92 -20.63
CA VAL A 73 -2.08 4.00 -19.60
C VAL A 73 -3.48 4.38 -19.12
N ASN A 74 -4.39 3.42 -19.20
CA ASN A 74 -5.76 3.68 -18.81
C ASN A 74 -6.21 2.67 -17.75
N VAL A 75 -6.63 3.17 -16.60
CA VAL A 75 -7.22 2.28 -15.59
C VAL A 75 -8.62 2.76 -15.30
N VAL A 76 -9.54 1.81 -15.29
CA VAL A 76 -10.94 2.07 -15.04
C VAL A 76 -11.37 1.21 -13.85
N ASP A 77 -12.08 1.80 -12.91
CA ASP A 77 -12.57 1.04 -11.76
C ASP A 77 -14.04 1.31 -11.57
N ASN A 78 -14.67 0.57 -10.63
CA ASN A 78 -16.06 0.74 -10.31
C ASN A 78 -16.13 1.24 -8.89
N GLY A 79 -15.18 2.11 -8.52
CA GLY A 79 -15.09 2.64 -7.18
C GLY A 79 -16.04 3.77 -6.85
N ILE A 80 -15.78 4.46 -5.76
CA ILE A 80 -16.69 5.51 -5.28
C ILE A 80 -16.65 6.78 -6.09
N GLY A 81 -15.68 6.89 -6.99
CA GLY A 81 -15.61 8.09 -7.82
C GLY A 81 -15.00 9.26 -7.08
N ILE A 82 -15.01 10.44 -7.70
CA ILE A 82 -14.43 11.61 -7.08
C ILE A 82 -15.36 12.78 -7.33
N PRO A 83 -15.74 13.50 -6.29
CA PRO A 83 -16.50 14.73 -6.45
C PRO A 83 -15.83 15.64 -7.49
N PRO A 84 -16.63 16.15 -8.41
CA PRO A 84 -16.16 16.99 -9.51
C PRO A 84 -15.22 18.11 -9.00
N GLN A 85 -15.57 18.74 -7.88
CA GLN A 85 -14.78 19.87 -7.37
C GLN A 85 -13.42 19.44 -6.81
N GLU A 86 -13.25 18.13 -6.60
CA GLU A 86 -11.99 17.59 -6.07
C GLU A 86 -11.03 17.10 -7.15
N VAL A 87 -11.54 16.86 -8.36
CA VAL A 87 -10.70 16.32 -9.44
C VAL A 87 -9.41 17.11 -9.76
N PRO A 88 -9.52 18.40 -10.03
CA PRO A 88 -8.34 19.19 -10.40
C PRO A 88 -7.17 19.06 -9.40
N ASN A 89 -7.44 19.24 -8.12
CA ASN A 89 -6.41 19.14 -7.09
C ASN A 89 -5.93 17.72 -6.86
N ALA A 90 -6.85 16.75 -7.02
CA ALA A 90 -6.50 15.36 -6.76
C ALA A 90 -5.41 14.88 -7.73
N PHE A 91 -5.37 15.47 -8.91
CA PHE A 91 -4.44 15.06 -9.93
C PHE A 91 -3.42 16.14 -10.30
N GLY A 92 -3.70 17.41 -10.02
CA GLY A 92 -2.84 18.46 -10.52
C GLY A 92 -2.28 19.47 -9.53
N ARG A 93 -2.31 19.13 -8.26
CA ARG A 93 -1.76 20.00 -7.24
C ARG A 93 -1.00 19.16 -6.27
N VAL A 94 0.32 19.31 -6.25
CA VAL A 94 1.11 18.56 -5.30
C VAL A 94 1.13 19.32 -3.99
N LEU A 95 0.98 18.59 -2.89
CA LEU A 95 0.94 19.20 -1.57
C LEU A 95 2.36 19.58 -1.12
N TYR A 96 2.47 20.68 -0.37
CA TYR A 96 3.78 21.17 0.10
C TYR A 96 4.33 20.35 1.26
N SER A 97 3.73 19.19 1.49
CA SER A 97 4.17 18.34 2.59
C SER A 97 3.04 17.42 3.06
N LYS A 99 1.02 14.82 4.52
CA LYS A 99 0.05 14.13 5.35
C LYS A 99 0.51 13.07 6.33
N TYR A 100 0.24 13.35 7.59
CA TYR A 100 0.42 12.38 8.64
C TYR A 100 -0.58 11.27 8.36
N VAL A 101 -0.09 10.04 8.28
CA VAL A 101 -0.92 8.92 7.90
C VAL A 101 -1.69 8.36 9.10
N ASN A 102 -3.01 8.41 9.02
CA ASN A 102 -3.84 7.86 10.10
C ASN A 102 -4.81 6.81 9.62
N ARG A 103 -4.48 6.22 8.48
CA ARG A 103 -5.29 5.20 7.89
C ARG A 103 -4.41 4.50 6.86
N GLN A 104 -4.43 3.18 6.88
CA GLN A 104 -3.63 2.41 5.96
C GLN A 104 -4.03 2.69 4.52
N THR A 105 -3.06 2.98 3.65
CA THR A 105 -3.35 3.17 2.24
C THR A 105 -2.32 2.44 1.42
N ARG A 106 -2.67 2.11 0.20
CA ARG A 106 -1.73 1.45 -0.68
C ARG A 106 -0.81 2.47 -1.32
N GLY A 107 0.50 2.23 -1.33
CA GLY A 107 1.43 3.10 -2.04
C GLY A 107 2.66 3.46 -1.22
N MET A 108 3.83 3.41 -1.84
CA MET A 108 5.10 3.79 -1.20
C MET A 108 5.28 5.31 -1.24
N TYR A 109 4.94 5.89 -2.41
CA TYR A 109 5.29 7.27 -2.70
C TYR A 109 4.27 8.31 -2.32
N GLY A 110 4.74 9.37 -1.66
CA GLY A 110 3.86 10.44 -1.23
C GLY A 110 3.12 11.13 -2.36
N LEU A 111 3.80 11.35 -3.48
CA LEU A 111 3.17 12.00 -4.64
C LEU A 111 2.03 11.16 -5.24
N GLY A 112 2.07 9.83 -5.08
CA GLY A 112 1.02 9.00 -5.67
C GLY A 112 0.90 9.18 -7.17
N VAL A 113 -0.34 9.20 -7.69
CA VAL A 113 -0.59 9.41 -9.11
C VAL A 113 -0.02 10.73 -9.61
N LYS A 114 0.15 11.68 -8.70
CA LYS A 114 0.65 13.01 -9.07
C LYS A 114 2.07 12.95 -9.64
N ALA A 115 2.86 11.94 -9.25
CA ALA A 115 4.19 11.78 -9.81
C ALA A 115 4.07 11.41 -11.31
N ALA A 116 3.11 10.54 -11.63
CA ALA A 116 2.89 10.15 -13.01
C ALA A 116 2.40 11.35 -13.83
N VAL A 117 1.50 12.13 -13.24
CA VAL A 117 0.99 13.33 -13.89
C VAL A 117 2.14 14.31 -14.22
N LEU A 118 2.96 14.60 -13.23
CA LEU A 118 4.13 15.45 -13.43
C LEU A 118 5.05 14.92 -14.51
N TYR A 119 5.34 13.63 -14.44
CA TYR A 119 6.25 13.03 -15.41
C TYR A 119 5.64 13.18 -16.81
N SER A 120 4.34 12.89 -16.90
CA SER A 120 3.60 13.07 -18.14
C SER A 120 3.73 14.49 -18.68
N GLN A 121 3.49 15.49 -17.84
CA GLN A 121 3.53 16.86 -18.33
C GLN A 121 4.96 17.33 -18.56
N MET A 122 5.92 16.70 -17.91
CA MET A 122 7.28 17.11 -18.16
C MET A 122 7.85 16.52 -19.46
N HIS A 123 7.38 15.37 -19.92
CA HIS A 123 8.03 14.75 -21.08
C HIS A 123 7.20 14.65 -22.34
N GLN A 124 5.92 15.01 -22.27
CA GLN A 124 5.06 14.96 -23.46
C GLN A 124 3.93 15.98 -23.37
N ASP A 125 3.05 15.98 -24.36
CA ASP A 125 2.11 17.09 -24.53
C ASP A 125 0.63 16.81 -24.34
N LYS A 126 0.24 15.56 -24.24
CA LYS A 126 -1.19 15.26 -24.07
C LYS A 126 -1.63 15.43 -22.62
N PRO A 127 -2.84 15.94 -22.40
CA PRO A 127 -3.36 16.10 -21.04
C PRO A 127 -3.74 14.74 -20.49
N ILE A 128 -3.91 14.65 -19.18
CA ILE A 128 -4.48 13.42 -18.65
C ILE A 128 -5.99 13.49 -18.79
N GLU A 129 -6.59 12.32 -18.99
CA GLU A 129 -8.02 12.20 -19.23
C GLU A 129 -8.70 11.51 -18.05
N ILE A 130 -9.70 12.17 -17.48
CA ILE A 130 -10.41 11.64 -16.34
C ILE A 130 -11.92 11.63 -16.58
N GLU A 131 -12.56 10.52 -16.24
CA GLU A 131 -14.01 10.41 -16.27
C GLU A 131 -14.42 9.82 -14.93
N THR A 132 -15.27 10.52 -14.22
CA THR A 132 -15.64 10.01 -12.93
C THR A 132 -17.10 10.20 -12.60
N SER A 133 -17.66 9.27 -11.83
CA SER A 133 -19.02 9.36 -11.38
C SER A 133 -19.16 8.89 -9.92
N PRO A 134 -19.33 9.84 -9.01
CA PRO A 134 -19.61 9.52 -7.60
C PRO A 134 -20.81 8.59 -7.45
N VAL A 135 -20.91 7.93 -6.31
CA VAL A 135 -22.04 7.05 -6.04
C VAL A 135 -23.34 7.83 -6.17
N ASN A 136 -24.30 7.28 -6.91
CA ASN A 136 -25.62 7.90 -7.07
C ASN A 136 -25.59 9.22 -7.83
N SER A 137 -24.53 9.47 -8.56
CA SER A 137 -24.49 10.70 -9.35
C SER A 137 -25.30 10.48 -10.62
N LYS A 138 -25.95 11.54 -11.09
CA LYS A 138 -26.77 11.42 -12.29
C LYS A 138 -25.90 11.78 -13.48
N ARG A 139 -24.66 12.15 -13.20
CA ARG A 139 -23.75 12.58 -14.23
C ARG A 139 -22.41 11.86 -14.18
N ILE A 140 -21.76 11.74 -15.33
CA ILE A 140 -20.39 11.34 -15.40
C ILE A 140 -19.65 12.62 -15.73
N TYR A 141 -18.64 12.95 -14.95
CA TYR A 141 -17.91 14.18 -15.14
C TYR A 141 -16.62 13.90 -15.86
N THR A 142 -16.36 14.66 -16.91
CA THR A 142 -15.16 14.44 -17.70
C THR A 142 -14.20 15.62 -17.58
N PHE A 143 -12.93 15.31 -17.66
CA PHE A 143 -11.88 16.32 -17.56
C PHE A 143 -10.72 15.97 -18.46
N LYS A 144 -10.10 16.98 -19.02
CA LYS A 144 -8.78 16.80 -19.60
C LYS A 144 -7.96 17.80 -18.81
N LEU A 145 -6.93 17.32 -18.11
CA LEU A 145 -6.13 18.21 -17.29
C LEU A 145 -4.66 18.06 -17.44
N LYS A 146 -3.98 19.09 -16.99
CA LYS A 146 -2.55 19.08 -16.86
C LYS A 146 -2.18 19.69 -15.50
N ILE A 147 -0.97 19.42 -15.05
CA ILE A 147 -0.45 20.15 -13.91
C ILE A 147 0.52 21.17 -14.46
N ASP A 148 0.41 22.41 -14.00
CA ASP A 148 1.33 23.46 -14.41
C ASP A 148 2.69 23.12 -13.83
N ILE A 149 3.63 22.71 -14.70
CA ILE A 149 4.94 22.26 -14.22
C ILE A 149 5.76 23.36 -13.55
N ASN A 150 5.30 24.60 -13.64
CA ASN A 150 6.02 25.70 -13.00
C ASN A 150 5.32 26.22 -11.74
N LYS A 151 3.99 26.12 -11.74
CA LYS A 151 3.21 26.68 -10.64
C LYS A 151 2.62 25.65 -9.70
N ASN A 152 2.76 24.36 -10.01
CA ASN A 152 2.21 23.33 -9.16
C ASN A 152 0.71 23.53 -8.98
N GLU A 153 0.00 23.77 -10.08
CA GLU A 153 -1.45 23.97 -10.02
C GLU A 153 -2.12 23.29 -11.21
N PRO A 154 -3.37 22.87 -11.04
CA PRO A 154 -4.12 22.23 -12.12
C PRO A 154 -4.40 23.16 -13.29
N ILE A 155 -4.39 22.60 -14.48
CA ILE A 155 -4.85 23.33 -15.64
C ILE A 155 -5.99 22.52 -16.18
N ILE A 156 -7.18 23.10 -16.14
CA ILE A 156 -8.31 22.42 -16.74
C ILE A 156 -8.38 22.75 -18.22
N VAL A 157 -8.05 21.78 -19.04
CA VAL A 157 -8.06 21.99 -20.49
C VAL A 157 -9.46 21.82 -21.04
N GLU A 158 -10.18 20.86 -20.48
CA GLU A 158 -11.54 20.56 -20.91
C GLU A 158 -12.28 20.04 -19.69
N ARG A 159 -13.56 20.40 -19.58
CA ARG A 159 -14.39 20.05 -18.44
C ARG A 159 -15.80 19.82 -18.98
N GLY A 160 -16.31 18.62 -18.86
CA GLY A 160 -17.63 18.30 -19.36
C GLY A 160 -18.40 17.31 -18.49
N SER A 161 -19.57 16.93 -18.95
CA SER A 161 -20.38 15.95 -18.23
C SER A 161 -21.37 15.33 -19.17
N VAL A 162 -21.74 14.08 -18.87
CA VAL A 162 -22.67 13.31 -19.66
C VAL A 162 -23.63 12.61 -18.71
N GLU A 163 -24.78 12.23 -19.22
CA GLU A 163 -25.79 11.57 -18.41
C GLU A 163 -25.32 10.18 -18.00
N ASN A 164 -25.50 9.85 -16.71
CA ASN A 164 -25.07 8.56 -16.16
C ASN A 164 -26.16 7.52 -16.37
N THR A 165 -25.81 6.24 -16.17
CA THR A 165 -26.77 5.16 -16.31
C THR A 165 -27.07 4.54 -14.95
N ARG A 166 -28.04 3.64 -14.90
CA ARG A 166 -28.48 3.05 -13.64
C ARG A 166 -27.36 2.40 -12.84
N GLY A 167 -27.13 2.93 -11.64
CA GLY A 167 -26.20 2.36 -10.69
C GLY A 167 -24.73 2.39 -11.08
N PHE A 168 -24.36 3.28 -11.98
CA PHE A 168 -22.94 3.32 -12.33
C PHE A 168 -22.17 4.27 -11.43
N HIS A 169 -20.98 3.87 -11.02
CA HIS A 169 -20.11 4.74 -10.25
C HIS A 169 -18.68 4.27 -10.50
N GLY A 170 -17.74 5.19 -10.55
CA GLY A 170 -16.36 4.80 -10.71
C GLY A 170 -15.54 5.83 -11.44
N THR A 171 -14.29 5.49 -11.73
CA THR A 171 -13.38 6.44 -12.33
C THR A 171 -12.54 5.80 -13.40
N SER A 172 -12.30 6.55 -14.47
CA SER A 172 -11.37 6.13 -15.50
C SER A 172 -10.29 7.20 -15.59
N VAL A 173 -9.03 6.77 -15.58
CA VAL A 173 -7.91 7.68 -15.66
C VAL A 173 -7.02 7.26 -16.84
N ALA A 174 -6.67 8.22 -17.69
CA ALA A 174 -5.74 7.91 -18.78
C ALA A 174 -4.59 8.92 -18.77
N ILE A 175 -3.37 8.41 -18.70
CA ILE A 175 -2.17 9.24 -18.64
C ILE A 175 -1.24 8.79 -19.75
N SER A 176 -0.66 9.74 -20.45
CA SER A 176 0.29 9.41 -21.53
C SER A 176 1.72 9.73 -21.08
N ILE A 177 2.60 8.73 -21.15
CA ILE A 177 3.97 8.91 -20.66
C ILE A 177 5.01 8.23 -21.52
N PRO A 178 6.23 8.76 -21.49
CA PRO A 178 7.36 8.00 -22.03
C PRO A 178 7.37 6.66 -21.34
N GLY A 179 7.58 5.58 -22.08
CA GLY A 179 7.63 4.26 -21.47
C GLY A 179 8.56 3.35 -22.24
N ASP A 180 8.75 2.13 -21.76
CA ASP A 180 9.52 1.15 -22.50
C ASP A 180 8.90 -0.21 -22.21
N TRP A 181 7.95 -0.61 -23.03
CA TRP A 181 7.23 -1.86 -22.77
C TRP A 181 8.07 -3.13 -22.66
N PRO A 182 8.86 -3.43 -23.69
CA PRO A 182 9.68 -4.64 -23.69
C PRO A 182 10.48 -4.79 -22.40
N LYS A 183 11.02 -3.69 -21.88
CA LYS A 183 11.79 -3.77 -20.64
C LYS A 183 10.91 -3.93 -19.41
N ALA A 184 9.78 -3.23 -19.39
CA ALA A 184 8.87 -3.23 -18.23
C ALA A 184 7.92 -4.41 -18.19
N LYS A 185 7.71 -5.02 -19.35
CA LYS A 185 6.72 -6.07 -19.51
C LYS A 185 6.67 -7.13 -18.37
N SER A 186 7.79 -7.81 -18.13
CA SER A 186 7.76 -8.93 -17.20
C SER A 186 7.36 -8.48 -15.79
N ARG A 187 7.83 -7.32 -15.38
CA ARG A 187 7.54 -6.84 -14.05
C ARG A 187 6.14 -6.26 -13.93
N ILE A 188 5.59 -5.74 -15.03
CA ILE A 188 4.20 -5.30 -15.01
C ILE A 188 3.24 -6.49 -14.83
N TYR A 189 3.46 -7.53 -15.62
CA TYR A 189 2.70 -8.75 -15.45
C TYR A 189 2.85 -9.31 -14.05
N GLU A 190 4.07 -9.28 -13.50
CA GLU A 190 4.31 -9.86 -12.19
C GLU A 190 3.61 -9.02 -11.14
N TYR A 191 3.60 -7.70 -11.34
CA TYR A 191 2.89 -6.83 -10.42
C TYR A 191 1.42 -7.20 -10.36
N ILE A 192 0.82 -7.35 -11.54
CA ILE A 192 -0.60 -7.65 -11.62
C ILE A 192 -0.88 -9.02 -11.02
N LYS A 193 -0.07 -10.01 -11.38
CA LYS A 193 -0.22 -11.36 -10.84
C LYS A 193 -0.19 -11.35 -9.31
N ARG A 194 0.81 -10.70 -8.74
CA ARG A 194 0.97 -10.71 -7.30
C ARG A 194 -0.13 -9.93 -6.60
N THR A 195 -0.64 -8.89 -7.25
CA THR A 195 -1.78 -8.15 -6.68
C THR A 195 -2.98 -9.08 -6.60
N TYR A 196 -3.19 -9.83 -7.66
CA TYR A 196 -4.29 -10.78 -7.79
C TYR A 196 -4.24 -11.86 -6.72
N ILE A 197 -3.03 -12.36 -6.46
CA ILE A 197 -2.87 -13.38 -5.44
C ILE A 197 -3.45 -12.99 -4.10
N ILE A 198 -3.26 -11.73 -3.67
CA ILE A 198 -3.79 -11.32 -2.37
C ILE A 198 -5.07 -10.54 -2.47
N THR A 199 -5.61 -10.44 -3.68
CA THR A 199 -6.87 -9.76 -3.91
C THR A 199 -7.83 -10.66 -4.71
N PRO A 200 -8.07 -11.87 -4.23
CA PRO A 200 -8.92 -12.84 -4.94
C PRO A 200 -10.35 -12.35 -5.12
N TYR A 201 -10.73 -11.28 -4.43
CA TYR A 201 -12.09 -10.78 -4.57
C TYR A 201 -12.18 -9.71 -5.65
N ALA A 202 -11.06 -9.42 -6.30
CA ALA A 202 -11.07 -8.46 -7.37
C ALA A 202 -11.09 -9.21 -8.70
N GLU A 203 -11.50 -8.52 -9.74
CA GLU A 203 -11.51 -9.10 -11.06
C GLU A 203 -10.71 -8.11 -11.91
N PHE A 204 -9.73 -8.60 -12.64
CA PHE A 204 -8.93 -7.70 -13.45
C PHE A 204 -8.98 -8.11 -14.88
N ILE A 205 -8.86 -7.13 -15.76
CA ILE A 205 -8.66 -7.40 -17.17
C ILE A 205 -7.46 -6.55 -17.58
N PHE A 206 -6.52 -7.14 -18.28
CA PHE A 206 -5.34 -6.39 -18.68
C PHE A 206 -5.08 -6.59 -20.15
N LYS A 207 -5.04 -5.49 -20.89
CA LYS A 207 -4.73 -5.56 -22.30
C LYS A 207 -3.46 -4.80 -22.47
N ASP A 208 -2.42 -5.51 -22.90
CA ASP A 208 -1.11 -4.91 -23.05
C ASP A 208 -0.94 -4.24 -24.42
N PRO A 209 0.18 -3.56 -24.64
CA PRO A 209 0.39 -2.78 -25.86
C PRO A 209 0.50 -3.66 -27.10
N GLU A 210 0.75 -4.95 -26.89
CA GLU A 210 0.84 -5.87 -28.02
C GLU A 210 -0.51 -6.43 -28.34
N GLY A 211 -1.51 -6.07 -27.54
CA GLY A 211 -2.86 -6.54 -27.77
C GLY A 211 -3.21 -7.83 -27.04
N ASN A 212 -2.28 -8.34 -26.23
CA ASN A 212 -2.56 -9.53 -25.43
C ASN A 212 -3.55 -9.15 -24.34
N VAL A 213 -4.49 -10.05 -24.07
CA VAL A 213 -5.47 -9.85 -23.01
C VAL A 213 -5.37 -10.96 -22.00
N THR A 214 -5.30 -10.59 -20.72
CA THR A 214 -5.26 -11.55 -19.63
C THR A 214 -6.45 -11.27 -18.71
N TYR A 215 -7.13 -12.32 -18.29
CA TYR A 215 -8.30 -12.20 -17.45
C TYR A 215 -8.03 -12.84 -16.10
N TYR A 216 -8.33 -12.10 -15.04
CA TYR A 216 -8.07 -12.57 -13.68
C TYR A 216 -9.42 -12.56 -12.98
N PRO A 217 -10.08 -13.71 -12.93
CA PRO A 217 -11.46 -13.81 -12.42
C PRO A 217 -11.57 -13.66 -10.92
N ARG A 218 -12.66 -13.05 -10.47
CA ARG A 218 -13.01 -12.96 -9.06
C ARG A 218 -13.21 -14.37 -8.53
N LEU A 219 -12.60 -14.68 -7.40
CA LEU A 219 -12.63 -16.03 -6.85
C LEU A 219 -13.51 -16.09 -5.62
N THR A 220 -13.88 -14.95 -5.09
CA THR A 220 -14.70 -14.93 -3.90
C THR A 220 -15.30 -13.57 -3.79
N ASN A 221 -16.31 -13.43 -2.94
CA ASN A 221 -16.87 -12.12 -2.71
C ASN A 221 -16.57 -11.59 -1.32
N LYS A 222 -15.68 -12.26 -0.61
CA LYS A 222 -15.29 -11.82 0.74
C LYS A 222 -14.24 -10.71 0.69
N ILE A 223 -14.58 -9.58 1.28
CA ILE A 223 -13.68 -8.43 1.34
C ILE A 223 -13.25 -8.22 2.77
N PRO A 224 -11.95 -8.09 3.02
CA PRO A 224 -11.47 -7.85 4.38
C PRO A 224 -12.01 -6.56 4.95
N LYS A 225 -12.10 -6.49 6.27
CA LYS A 225 -12.54 -5.27 6.92
C LYS A 225 -11.64 -4.07 6.55
N PRO A 226 -12.26 -2.97 6.10
CA PRO A 226 -11.62 -1.65 5.85
C PRO A 226 -10.79 -1.01 6.95
N PRO A 227 -9.79 -0.21 6.62
CA PRO A 227 -9.06 0.58 7.61
C PRO A 227 -9.93 1.66 8.21
N GLN A 228 -9.83 2.02 9.49
CA GLN A 228 -10.59 3.18 9.94
C GLN A 228 -9.65 4.29 10.34
N GLU A 229 -9.94 5.52 9.94
CA GLU A 229 -9.09 6.64 10.30
C GLU A 229 -9.01 6.68 11.83
N VAL A 230 -7.83 6.96 12.36
CA VAL A 230 -7.66 7.09 13.80
C VAL A 230 -7.00 8.43 14.08
N LYS A 231 -7.02 8.85 15.33
CA LYS A 231 -6.29 10.05 15.70
C LYS A 231 -4.86 9.63 15.87
N PRO A 232 -3.92 10.56 15.67
CA PRO A 232 -2.49 10.27 15.81
C PRO A 232 -2.13 9.83 17.22
N HIS A 233 -1.16 8.92 17.32
CA HIS A 233 -0.67 8.49 18.62
C HIS A 233 0.53 9.36 18.97
N PRO A 234 0.59 9.81 20.22
CA PRO A 234 1.62 10.75 20.67
C PRO A 234 3.07 10.39 20.34
N TYR A 235 3.45 9.11 20.46
CA TYR A 235 4.82 8.70 20.14
C TYR A 235 5.16 8.98 18.68
N GLY A 236 4.14 9.21 17.86
CA GLY A 236 4.38 9.40 16.45
C GLY A 236 4.61 10.83 15.99
N VAL A 237 4.20 11.81 16.79
CA VAL A 237 4.23 13.21 16.33
C VAL A 237 5.50 14.01 16.58
N ASP A 238 5.90 14.79 15.58
CA ASP A 238 6.99 15.77 15.69
C ASP A 238 6.40 17.16 15.85
N ARG A 239 7.15 18.08 16.42
CA ARG A 239 6.68 19.44 16.60
C ARG A 239 5.93 19.93 15.35
N GLU A 240 6.58 19.78 14.19
CA GLU A 240 6.00 20.27 12.95
C GLU A 240 4.64 19.64 12.68
N GLU A 241 4.44 18.43 13.16
CA GLU A 241 3.17 17.75 13.03
C GLU A 241 2.15 18.34 14.00
N ILE A 242 2.57 18.61 15.22
CA ILE A 242 1.68 19.20 16.22
C ILE A 242 1.14 20.55 15.76
N LYS A 243 2.04 21.44 15.37
CA LYS A 243 1.61 22.76 14.92
C LYS A 243 0.95 22.70 13.55
N ILE A 244 0.46 21.51 13.20
CA ILE A 244 -0.31 21.36 11.98
C ILE A 244 -1.70 20.98 12.42
N LEU A 245 -1.78 20.19 13.49
CA LEU A 245 -3.07 19.83 14.06
C LEU A 245 -3.60 21.05 14.79
N ILE A 246 -2.69 21.87 15.27
CA ILE A 246 -3.04 23.11 15.92
C ILE A 246 -3.65 24.07 14.91
N ASN A 247 -2.90 24.44 13.86
CA ASN A 247 -3.46 25.41 12.92
C ASN A 247 -4.52 24.78 12.06
N ASN A 248 -4.99 23.60 12.43
CA ASN A 248 -5.99 22.93 11.64
C ASN A 248 -7.33 22.82 12.36
N LEU A 249 -7.38 23.30 13.60
CA LEU A 249 -8.61 23.21 14.39
C LEU A 249 -9.63 24.23 13.94
N LYS A 250 -10.89 23.86 14.01
CA LYS A 250 -11.94 24.81 13.69
C LYS A 250 -12.37 25.53 14.98
N ARG A 251 -12.31 24.82 16.13
CA ARG A 251 -12.67 25.39 17.45
C ARG A 251 -11.42 26.00 18.20
N ASP A 252 -11.60 26.71 19.33
CA ASP A 252 -10.44 27.30 20.10
C ASP A 252 -10.16 26.50 21.38
N TYR A 253 -9.72 25.28 21.18
CA TYR A 253 -9.46 24.33 22.26
C TYR A 253 -8.52 24.84 23.33
N THR A 254 -8.65 24.25 24.50
CA THR A 254 -7.70 24.46 25.58
C THR A 254 -6.67 23.37 25.44
N ILE A 255 -5.48 23.56 26.02
CA ILE A 255 -4.45 22.55 25.83
C ILE A 255 -4.94 21.19 26.28
N LYS A 256 -5.66 21.17 27.40
CA LYS A 256 -6.24 19.93 27.88
C LYS A 256 -7.32 19.56 26.90
N GLU A 257 -7.97 20.57 26.39
CA GLU A 257 -9.05 20.28 25.48
C GLU A 257 -8.49 19.61 24.25
N PHE A 258 -7.20 19.77 24.03
CA PHE A 258 -6.65 19.34 22.76
C PHE A 258 -5.86 18.04 22.77
N LEU A 259 -5.28 17.74 23.92
CA LEU A 259 -4.54 16.50 24.08
C LEU A 259 -5.50 15.34 24.10
N VAL A 260 -6.68 15.54 24.70
CA VAL A 260 -7.64 14.45 24.85
C VAL A 260 -8.57 14.28 23.64
N ASN A 261 -8.64 15.30 22.79
CA ASN A 261 -9.53 15.19 21.64
C ASN A 261 -8.85 14.99 20.29
N GLU A 262 -7.56 15.30 20.20
CA GLU A 262 -6.85 15.17 18.92
C GLU A 262 -5.79 14.06 18.90
N PHE A 263 -5.79 13.21 19.91
CA PHE A 263 -4.78 12.17 20.03
C PHE A 263 -5.39 10.87 20.50
N GLN A 264 -4.67 9.78 20.23
CA GLN A 264 -5.02 8.49 20.79
C GLN A 264 -4.54 8.42 22.23
N SER A 265 -5.16 7.52 22.98
CA SER A 265 -4.70 7.12 24.31
C SER A 265 -4.46 8.28 25.28
N ILE A 266 -5.07 9.42 25.05
CA ILE A 266 -5.02 10.49 26.04
C ILE A 266 -6.41 10.76 26.61
N GLY A 267 -6.66 10.22 27.79
CA GLY A 267 -7.92 10.47 28.46
C GLY A 267 -7.76 11.60 29.46
N ASP A 268 -8.86 11.94 30.11
CA ASP A 268 -8.91 12.99 31.12
C ASP A 268 -7.69 12.97 32.04
N THR A 269 -7.48 11.83 32.68
CA THR A 269 -6.37 11.66 33.62
C THR A 269 -4.98 11.70 32.96
N THR A 270 -4.84 11.09 31.79
CA THR A 270 -3.54 11.06 31.14
C THR A 270 -3.10 12.47 30.72
N ALA A 271 -4.06 13.27 30.28
CA ALA A 271 -3.78 14.64 29.88
C ALA A 271 -3.31 15.46 31.09
N ASP A 272 -4.01 15.30 32.20
CA ASP A 272 -3.62 15.94 33.44
C ASP A 272 -2.13 15.71 33.70
N LYS A 273 -1.73 14.44 33.68
CA LYS A 273 -0.32 14.13 33.90
C LYS A 273 0.58 14.76 32.84
N ILE A 274 0.27 14.53 31.56
CA ILE A 274 1.06 15.10 30.48
C ILE A 274 1.28 16.59 30.70
N LEU A 275 0.20 17.29 31.05
CA LEU A 275 0.24 18.74 31.27
C LEU A 275 1.26 19.15 32.33
N GLU A 276 1.27 18.44 33.45
CA GLU A 276 2.22 18.78 34.52
C GLU A 276 3.63 18.49 34.06
N LEU A 277 3.85 17.28 33.55
CA LEU A 277 5.17 16.87 33.09
C LEU A 277 5.76 17.92 32.15
N ALA A 278 4.94 18.39 31.22
CA ALA A 278 5.40 19.35 30.22
C ALA A 278 5.35 20.79 30.73
N GLY A 279 4.80 20.99 31.91
CA GLY A 279 4.72 22.33 32.49
C GLY A 279 3.85 23.28 31.70
N LEU A 280 2.65 22.81 31.35
CA LEU A 280 1.68 23.61 30.62
C LEU A 280 0.40 23.64 31.43
N LYS A 281 -0.41 24.66 31.24
CA LYS A 281 -1.66 24.75 31.97
C LYS A 281 -2.84 24.32 31.13
N PRO A 282 -3.71 23.50 31.71
CA PRO A 282 -4.92 23.01 31.03
C PRO A 282 -5.72 24.13 30.36
N ASN A 283 -5.96 25.22 31.07
CA ASN A 283 -6.79 26.33 30.61
C ASN A 283 -6.21 27.12 29.44
N LYS A 284 -4.89 27.17 29.30
CA LYS A 284 -4.29 27.95 28.22
C LYS A 284 -4.80 27.48 26.87
N LYS A 285 -5.00 28.41 25.95
CA LYS A 285 -5.50 28.05 24.63
C LYS A 285 -4.40 27.64 23.66
N VAL A 286 -4.59 26.46 23.05
CA VAL A 286 -3.59 25.83 22.20
C VAL A 286 -2.97 26.69 21.11
N LYS A 287 -3.79 27.54 20.48
CA LYS A 287 -3.27 28.38 19.40
C LYS A 287 -2.15 29.28 19.94
N ASN A 288 -2.16 29.50 21.25
CA ASN A 288 -1.17 30.37 21.88
C ASN A 288 0.02 29.64 22.49
N LEU A 289 0.33 28.46 21.98
CA LEU A 289 1.52 27.75 22.45
C LEU A 289 2.77 28.46 21.91
N THR A 290 3.93 28.02 22.42
CA THR A 290 5.25 28.58 22.07
C THR A 290 6.23 27.47 21.68
N GLU A 291 7.27 27.83 20.93
CA GLU A 291 8.27 26.86 20.45
C GLU A 291 9.08 26.23 21.57
N GLU A 292 8.61 26.46 22.80
CA GLU A 292 9.24 25.93 23.98
C GLU A 292 8.22 25.12 24.76
N GLU A 293 6.97 25.57 24.64
CA GLU A 293 5.87 24.88 25.29
C GLU A 293 5.69 23.60 24.49
N ILE A 294 5.83 23.73 23.18
CA ILE A 294 5.71 22.62 22.22
C ILE A 294 6.86 21.62 22.38
N THR A 295 8.07 22.07 22.09
CA THR A 295 9.26 21.25 22.32
C THR A 295 8.98 20.36 23.51
N ARG A 296 8.50 20.99 24.57
CA ARG A 296 8.23 20.33 25.83
C ARG A 296 7.18 19.23 25.70
N LEU A 297 6.11 19.52 24.96
CA LEU A 297 5.05 18.54 24.74
C LEU A 297 5.62 17.31 24.05
N VAL A 298 6.36 17.56 22.98
CA VAL A 298 6.93 16.48 22.19
C VAL A 298 7.88 15.64 23.00
N GLU A 299 8.81 16.30 23.70
CA GLU A 299 9.76 15.58 24.52
C GLU A 299 9.03 14.79 25.59
N THR A 300 7.95 15.39 26.08
CA THR A 300 7.13 14.70 27.07
C THR A 300 6.49 13.47 26.43
N PHE A 301 5.95 13.65 25.24
CA PHE A 301 5.34 12.55 24.49
C PHE A 301 6.35 11.42 24.37
N LYS A 302 7.52 11.75 23.84
CA LYS A 302 8.56 10.77 23.61
C LYS A 302 9.01 10.08 24.89
N LYS A 303 8.79 10.73 26.03
CA LYS A 303 9.26 10.17 27.31
C LYS A 303 8.17 9.59 28.21
N TYR A 304 6.92 9.64 27.77
CA TYR A 304 5.82 9.12 28.59
C TYR A 304 5.68 7.61 28.36
N GLU A 305 5.52 6.84 29.43
CA GLU A 305 5.52 5.39 29.28
C GLU A 305 4.17 4.76 29.58
N ASP A 306 3.12 5.57 29.63
CA ASP A 306 1.84 5.01 30.03
C ASP A 306 0.75 5.19 28.97
N PHE A 307 1.17 5.22 27.71
CA PHE A 307 0.25 5.29 26.60
C PHE A 307 -0.17 3.88 26.23
N ARG A 308 -1.38 3.75 25.71
CA ARG A 308 -1.81 2.50 25.13
C ARG A 308 -1.08 2.36 23.82
N SER A 309 -0.88 1.13 23.37
CA SER A 309 -0.28 0.91 22.07
C SER A 309 -1.12 1.60 21.01
N PRO A 310 -0.48 2.05 19.94
CA PRO A 310 -1.20 2.58 18.77
C PRO A 310 -2.34 1.66 18.33
N SER A 311 -3.54 2.20 18.18
CA SER A 311 -4.69 1.41 17.77
C SER A 311 -4.40 0.74 16.44
N ALA A 312 -4.96 -0.46 16.23
CA ALA A 312 -4.77 -1.18 14.97
C ALA A 312 -5.99 -1.01 14.08
N ASP A 313 -6.94 -0.20 14.53
CA ASP A 313 -8.13 0.05 13.71
C ASP A 313 -7.72 0.65 12.38
N SER A 314 -6.55 1.26 12.35
CA SER A 314 -6.14 1.96 11.14
C SER A 314 -5.56 1.00 10.10
N LEU A 315 -5.50 -0.28 10.43
CA LEU A 315 -4.88 -1.26 9.56
C LEU A 315 -5.92 -2.15 8.91
N SER A 316 -5.51 -2.86 7.87
CA SER A 316 -6.40 -3.77 7.19
C SER A 316 -5.56 -4.93 6.71
N VAL A 317 -5.91 -6.13 7.16
CA VAL A 317 -5.14 -7.30 6.82
C VAL A 317 -5.75 -7.97 5.60
N ILE A 318 -4.97 -8.86 4.96
CA ILE A 318 -5.51 -9.66 3.87
C ILE A 318 -6.40 -10.75 4.45
N GLY A 319 -5.93 -11.38 5.52
CA GLY A 319 -6.69 -12.43 6.21
C GLY A 319 -6.18 -13.81 5.83
N GLU A 320 -6.15 -14.71 6.80
CA GLU A 320 -5.68 -16.08 6.56
C GLU A 320 -6.41 -16.77 5.43
N ASP A 321 -7.73 -16.62 5.39
CA ASP A 321 -8.53 -17.28 4.37
C ASP A 321 -8.16 -16.82 2.97
N LEU A 322 -8.03 -15.50 2.78
CA LEU A 322 -7.76 -14.97 1.45
C LEU A 322 -6.36 -15.28 0.97
N ILE A 323 -5.39 -15.26 1.87
CA ILE A 323 -4.02 -15.62 1.54
C ILE A 323 -3.98 -17.07 1.03
N GLU A 324 -4.62 -17.98 1.75
CA GLU A 324 -4.64 -19.38 1.34
C GLU A 324 -5.37 -19.56 0.03
N LEU A 325 -6.52 -18.90 -0.10
CA LEU A 325 -7.31 -18.96 -1.34
C LEU A 325 -6.44 -18.56 -2.53
N GLY A 326 -5.79 -17.41 -2.43
CA GLY A 326 -4.95 -16.94 -3.51
C GLY A 326 -3.77 -17.86 -3.82
N LEU A 327 -3.04 -18.28 -2.80
CA LEU A 327 -1.91 -19.17 -3.03
C LEU A 327 -2.38 -20.45 -3.74
N LYS A 328 -3.48 -21.03 -3.24
CA LYS A 328 -3.99 -22.27 -3.79
C LYS A 328 -4.41 -22.12 -5.26
N LYS A 329 -5.21 -21.11 -5.54
CA LYS A 329 -5.73 -20.93 -6.89
C LYS A 329 -4.66 -20.58 -7.92
N ILE A 330 -3.68 -19.78 -7.52
CA ILE A 330 -2.69 -19.36 -8.49
C ILE A 330 -1.53 -20.34 -8.65
N PHE A 331 -1.17 -21.01 -7.56
CA PHE A 331 -0.05 -21.92 -7.57
C PHE A 331 -0.42 -23.39 -7.62
N ASN A 332 -1.69 -23.71 -7.36
CA ASN A 332 -2.14 -25.11 -7.28
C ASN A 332 -1.10 -25.99 -6.57
N PRO A 333 -0.81 -25.68 -5.30
CA PRO A 333 0.16 -26.45 -4.52
C PRO A 333 -0.48 -27.69 -3.90
N ASP A 334 0.35 -28.54 -3.28
CA ASP A 334 -0.18 -29.67 -2.52
C ASP A 334 -0.63 -29.19 -1.16
N PHE A 335 0.00 -28.14 -0.66
CA PHE A 335 -0.27 -27.63 0.67
C PHE A 335 -0.08 -26.13 0.72
N ALA A 336 -0.94 -25.48 1.49
CA ALA A 336 -0.76 -24.06 1.76
C ALA A 336 -1.22 -23.77 3.18
N ALA A 337 -0.67 -22.72 3.77
CA ALA A 337 -1.01 -22.33 5.12
C ALA A 337 -0.68 -20.87 5.27
N SER A 338 -1.27 -20.23 6.27
CA SER A 338 -1.05 -18.82 6.46
C SER A 338 -1.25 -18.44 7.91
N ILE A 339 -0.76 -17.28 8.29
CA ILE A 339 -0.97 -16.79 9.64
C ILE A 339 -1.13 -15.29 9.57
N THR A 340 -2.09 -14.78 10.30
CA THR A 340 -2.22 -13.35 10.52
C THR A 340 -1.89 -13.11 12.00
N ARG A 341 -0.77 -12.44 12.26
CA ARG A 341 -0.32 -12.17 13.63
C ARG A 341 -1.09 -11.06 14.31
N LYS A 342 -1.12 -11.09 15.64
CA LYS A 342 -1.73 -10.00 16.41
C LYS A 342 -0.92 -8.74 16.22
N PRO A 343 -1.58 -7.58 16.31
CA PRO A 343 -0.92 -6.30 16.07
C PRO A 343 0.21 -6.03 17.04
N LYS A 344 1.25 -5.38 16.54
CA LYS A 344 2.35 -4.89 17.35
C LYS A 344 2.43 -3.39 17.08
N ALA A 345 3.45 -2.72 17.58
CA ALA A 345 3.59 -1.29 17.35
C ALA A 345 5.03 -0.89 17.32
N TYR A 346 5.33 0.20 16.63
CA TYR A 346 6.68 0.75 16.65
C TYR A 346 6.65 2.24 16.30
N GLN A 347 7.38 3.03 17.08
CA GLN A 347 7.49 4.47 16.84
C GLN A 347 6.14 5.17 16.66
N GLY A 348 5.15 4.79 17.45
CA GLY A 348 3.86 5.46 17.40
C GLY A 348 2.88 4.96 16.35
N HIS A 349 3.25 3.90 15.63
CA HIS A 349 2.38 3.35 14.59
C HIS A 349 2.15 1.85 14.77
N PRO A 350 0.94 1.38 14.52
CA PRO A 350 0.64 -0.05 14.65
C PRO A 350 1.19 -0.80 13.45
N PHE A 351 1.49 -2.08 13.64
CA PHE A 351 1.83 -2.92 12.51
C PHE A 351 1.40 -4.36 12.74
N ILE A 352 1.11 -5.06 11.65
CA ILE A 352 0.73 -6.45 11.70
C ILE A 352 1.50 -7.17 10.61
N VAL A 353 1.97 -8.36 10.90
CA VAL A 353 2.59 -9.17 9.90
C VAL A 353 1.71 -10.36 9.61
N GLU A 354 1.54 -10.69 8.33
CA GLU A 354 0.88 -11.91 7.94
C GLU A 354 1.90 -12.66 7.14
N ALA A 355 1.82 -13.98 7.14
CA ALA A 355 2.78 -14.77 6.36
C ALA A 355 2.05 -15.97 5.76
N GLY A 356 2.61 -16.53 4.69
CA GLY A 356 1.97 -17.66 4.07
C GLY A 356 2.98 -18.55 3.37
N VAL A 357 2.65 -19.83 3.23
CA VAL A 357 3.53 -20.74 2.51
C VAL A 357 2.71 -21.65 1.59
N ALA A 358 3.24 -21.94 0.42
CA ALA A 358 2.61 -22.92 -0.46
C ALA A 358 3.70 -23.87 -0.89
N PHE A 359 3.38 -25.16 -0.90
CA PHE A 359 4.38 -26.19 -1.14
C PHE A 359 3.89 -27.23 -2.13
N GLY A 360 4.76 -27.61 -3.07
CA GLY A 360 4.48 -28.72 -3.96
C GLY A 360 3.57 -28.42 -5.12
N GLY A 361 2.95 -29.46 -5.65
CA GLY A 361 2.00 -29.32 -6.73
C GLY A 361 2.63 -28.77 -7.99
N SER A 362 1.96 -27.79 -8.58
CA SER A 362 2.42 -27.22 -9.83
C SER A 362 3.52 -26.19 -9.64
N ILE A 363 3.93 -25.94 -8.40
CA ILE A 363 4.99 -24.98 -8.19
C ILE A 363 6.32 -25.51 -8.59
N PRO A 364 7.02 -24.70 -9.33
CA PRO A 364 8.38 -24.98 -9.75
C PRO A 364 9.46 -25.41 -8.78
N VAL A 365 10.27 -26.37 -9.25
CA VAL A 365 11.43 -26.80 -8.48
C VAL A 365 12.53 -25.76 -8.69
N GLY A 366 13.30 -25.50 -7.64
CA GLY A 366 14.40 -24.56 -7.66
C GLY A 366 15.11 -24.65 -6.33
N GLU A 367 16.27 -24.01 -6.20
CA GLU A 367 17.06 -24.13 -4.97
C GLU A 367 16.70 -23.10 -3.91
N GLU A 368 15.86 -22.14 -4.27
CA GLU A 368 15.40 -21.14 -3.33
C GLU A 368 13.88 -21.02 -3.40
N PRO A 369 13.25 -20.63 -2.31
CA PRO A 369 11.80 -20.41 -2.33
C PRO A 369 11.46 -19.19 -3.16
N ILE A 370 10.25 -19.14 -3.68
CA ILE A 370 9.77 -17.96 -4.34
C ILE A 370 9.31 -17.07 -3.21
N VAL A 371 9.82 -15.86 -3.15
CA VAL A 371 9.44 -14.98 -2.07
C VAL A 371 8.57 -13.83 -2.52
N LEU A 372 7.37 -13.73 -1.96
CA LEU A 372 6.42 -12.68 -2.29
C LEU A 372 6.35 -11.70 -1.12
N ARG A 373 6.67 -10.45 -1.40
CA ARG A 373 6.66 -9.40 -0.37
C ARG A 373 5.50 -8.46 -0.63
N TYR A 374 4.78 -8.12 0.43
CA TYR A 374 3.72 -7.14 0.34
C TYR A 374 3.84 -6.11 1.47
N ALA A 375 3.51 -4.86 1.17
CA ALA A 375 3.48 -3.81 2.17
C ALA A 375 2.15 -3.09 1.99
N ASN A 376 1.33 -3.05 3.04
CA ASN A 376 0.01 -2.44 2.90
C ASN A 376 -0.72 -2.91 1.65
N LYS A 377 -0.66 -4.21 1.42
CA LYS A 377 -1.37 -4.87 0.34
C LYS A 377 -0.87 -4.57 -1.06
N ILE A 378 0.33 -4.00 -1.16
CA ILE A 378 0.96 -3.73 -2.45
C ILE A 378 2.21 -4.62 -2.66
N PRO A 379 2.33 -5.32 -3.80
CA PRO A 379 3.58 -6.02 -4.16
C PRO A 379 4.81 -5.19 -4.04
N LEU A 380 5.88 -5.80 -3.57
CA LEU A 380 7.15 -5.13 -3.67
C LEU A 380 7.81 -5.95 -4.74
N ILE A 381 8.28 -5.31 -5.79
CA ILE A 381 8.78 -6.05 -6.94
C ILE A 381 10.30 -5.99 -7.12
N TYR A 382 10.87 -4.79 -7.05
CA TYR A 382 12.32 -4.60 -7.17
C TYR A 382 13.04 -4.66 -5.83
N ASP A 383 14.37 -4.74 -5.88
CA ASP A 383 15.23 -4.65 -4.70
C ASP A 383 14.97 -5.75 -3.67
N GLU A 384 14.57 -6.91 -4.14
CA GLU A 384 14.20 -7.98 -3.24
C GLU A 384 15.33 -8.48 -2.35
N LYS A 385 16.55 -8.49 -2.87
CA LYS A 385 17.67 -9.02 -2.08
C LYS A 385 18.11 -8.13 -0.93
N SER A 386 17.70 -6.87 -0.94
CA SER A 386 18.04 -6.00 0.19
C SER A 386 16.90 -5.85 1.20
N ASP A 387 15.77 -6.50 0.95
CA ASP A 387 14.59 -6.40 1.81
C ASP A 387 14.76 -7.23 3.07
N VAL A 388 14.22 -6.76 4.17
CA VAL A 388 14.28 -7.48 5.43
C VAL A 388 13.51 -8.80 5.38
N ILE A 389 12.57 -8.93 4.45
CA ILE A 389 11.83 -10.18 4.31
C ILE A 389 12.68 -11.25 3.66
N TRP A 390 13.45 -10.87 2.64
CA TRP A 390 14.37 -11.80 2.00
C TRP A 390 15.39 -12.28 3.00
N LYS A 391 15.89 -11.35 3.81
CA LYS A 391 16.89 -11.68 4.83
C LYS A 391 16.37 -12.74 5.82
N VAL A 392 15.16 -12.53 6.32
CA VAL A 392 14.58 -13.49 7.26
C VAL A 392 14.36 -14.88 6.64
N VAL A 393 13.87 -14.89 5.40
CA VAL A 393 13.63 -16.15 4.69
C VAL A 393 14.94 -16.90 4.45
N GLU A 394 15.97 -16.18 4.01
CA GLU A 394 17.27 -16.77 3.77
C GLU A 394 17.90 -17.28 5.08
N GLU A 395 17.75 -16.54 6.17
CA GLU A 395 18.37 -16.95 7.42
C GLU A 395 17.69 -18.15 8.06
N LEU A 396 16.40 -18.31 7.80
CA LEU A 396 15.71 -19.48 8.36
C LEU A 396 16.28 -20.79 7.77
N ASP A 397 16.52 -21.77 8.63
CA ASP A 397 17.00 -23.08 8.18
C ASP A 397 15.81 -24.02 7.92
N TRP A 398 15.46 -24.18 6.65
CA TRP A 398 14.27 -24.97 6.33
C TRP A 398 14.35 -26.46 6.63
N LYS A 399 15.56 -26.97 6.84
CA LYS A 399 15.68 -28.39 7.20
C LYS A 399 15.06 -28.59 8.57
N ARG A 400 15.03 -27.56 9.40
CA ARG A 400 14.39 -27.73 10.70
C ARG A 400 12.89 -27.85 10.54
N TYR A 401 12.42 -27.58 9.32
CA TYR A 401 10.99 -27.56 9.07
C TYR A 401 10.52 -28.62 8.10
N GLY A 402 11.36 -29.63 7.89
CA GLY A 402 10.94 -30.75 7.08
C GLY A 402 11.45 -30.76 5.66
N ILE A 403 12.08 -29.69 5.19
CA ILE A 403 12.58 -29.68 3.82
C ILE A 403 13.89 -30.48 3.75
N GLU A 404 13.89 -31.59 3.04
CA GLU A 404 15.06 -32.45 3.04
C GLU A 404 16.04 -32.29 1.90
N SER A 405 15.55 -31.92 0.75
CA SER A 405 16.47 -31.78 -0.37
C SER A 405 16.96 -30.34 -0.53
N ASP A 406 18.05 -30.12 -1.24
CA ASP A 406 18.48 -28.74 -1.45
C ASP A 406 17.69 -28.07 -2.58
N GLN A 407 16.76 -28.81 -3.19
CA GLN A 407 15.84 -28.32 -4.23
C GLN A 407 14.45 -28.66 -3.77
N TYR A 408 13.60 -27.64 -3.63
CA TYR A 408 12.24 -27.86 -3.25
C TYR A 408 11.33 -26.92 -4.08
N GLN A 409 10.02 -27.10 -3.94
CA GLN A 409 9.03 -26.28 -4.61
C GLN A 409 8.26 -25.53 -3.56
N MET A 410 8.63 -24.29 -3.27
CA MET A 410 7.97 -23.57 -2.22
C MET A 410 7.77 -22.09 -2.55
N VAL A 411 6.62 -21.56 -2.15
CA VAL A 411 6.37 -20.14 -2.26
C VAL A 411 6.22 -19.68 -0.84
N VAL A 412 6.85 -18.56 -0.50
CA VAL A 412 6.67 -17.99 0.83
C VAL A 412 6.23 -16.57 0.66
N MET A 413 5.29 -16.17 1.48
CA MET A 413 4.77 -14.83 1.37
C MET A 413 4.76 -14.14 2.71
N VAL A 414 5.00 -12.83 2.68
CA VAL A 414 5.01 -12.04 3.88
C VAL A 414 4.39 -10.69 3.58
N HIS A 415 3.44 -10.30 4.41
CA HIS A 415 2.77 -9.02 4.24
C HIS A 415 2.97 -8.20 5.48
N LEU A 416 3.52 -7.01 5.32
CA LEU A 416 3.62 -6.07 6.44
C LEU A 416 2.62 -4.94 6.22
N CYS A 417 1.76 -4.68 7.20
CA CYS A 417 0.90 -3.52 7.07
C CYS A 417 1.07 -2.58 8.25
N SER A 418 1.06 -1.29 7.99
CA SER A 418 1.31 -0.29 9.03
C SER A 418 0.98 1.07 8.50
N THR A 419 0.81 2.04 9.38
CA THR A 419 0.63 3.39 8.89
C THR A 419 1.98 4.04 8.70
N LYS A 420 3.04 3.32 9.06
CA LYS A 420 4.39 3.79 8.78
C LYS A 420 5.31 2.64 8.34
N ILE A 421 5.31 2.30 7.06
CA ILE A 421 6.22 1.27 6.59
C ILE A 421 7.61 1.87 6.50
N PRO A 422 8.59 1.27 7.13
CA PRO A 422 9.96 1.78 7.04
C PRO A 422 10.68 1.26 5.82
N TYR A 423 10.95 2.14 4.86
CA TYR A 423 11.67 1.74 3.64
C TYR A 423 13.14 2.08 3.77
N LYS A 424 14.01 1.28 3.18
CA LYS A 424 15.43 1.51 3.31
C LYS A 424 15.85 2.82 2.66
N SER A 425 15.43 3.03 1.41
CA SER A 425 15.86 4.22 0.70
C SER A 425 14.81 4.64 -0.30
N ALA A 426 14.65 5.94 -0.49
CA ALA A 426 13.66 6.47 -1.44
C ALA A 426 13.99 5.99 -2.83
N GLY A 427 13.01 5.42 -3.51
CA GLY A 427 13.22 4.95 -4.87
C GLY A 427 13.62 3.49 -4.90
N LYS A 428 13.70 2.85 -3.74
CA LYS A 428 13.90 1.41 -3.65
C LYS A 428 12.72 0.78 -2.95
N GLU A 429 12.30 -0.38 -3.42
CA GLU A 429 11.12 -1.04 -2.86
C GLU A 429 11.50 -2.07 -1.82
N SER A 430 12.43 -1.75 -0.93
CA SER A 430 12.84 -2.69 0.07
C SER A 430 12.53 -2.21 1.48
N ILE A 431 11.95 -3.10 2.27
CA ILE A 431 11.65 -2.76 3.66
C ILE A 431 12.89 -2.82 4.53
N ALA A 432 13.03 -1.84 5.43
CA ALA A 432 14.19 -1.72 6.28
C ALA A 432 14.25 -2.79 7.38
N GLU A 433 15.46 -3.08 7.85
CA GLU A 433 15.68 -4.03 8.92
C GLU A 433 15.50 -3.41 10.30
N VAL A 434 14.31 -2.89 10.56
CA VAL A 434 13.98 -2.44 11.89
C VAL A 434 13.82 -3.67 12.80
N GLU A 435 14.54 -3.70 13.92
CA GLU A 435 14.58 -4.86 14.81
C GLU A 435 13.21 -5.42 15.20
N ASP A 436 12.31 -4.54 15.60
CA ASP A 436 10.98 -4.96 16.02
C ASP A 436 10.17 -5.54 14.89
N ILE A 437 10.41 -5.06 13.68
CA ILE A 437 9.67 -5.60 12.57
C ILE A 437 10.28 -6.92 12.12
N GLU A 438 11.61 -6.97 12.04
CA GLU A 438 12.30 -8.20 11.70
C GLU A 438 11.90 -9.33 12.64
N LYS A 439 11.90 -9.04 13.93
CA LYS A 439 11.56 -10.04 14.96
C LYS A 439 10.17 -10.61 14.69
N GLU A 440 9.23 -9.73 14.38
CA GLU A 440 7.88 -10.18 14.13
C GLU A 440 7.73 -10.94 12.81
N ILE A 441 8.47 -10.52 11.78
CA ILE A 441 8.44 -11.26 10.51
C ILE A 441 8.98 -12.68 10.71
N LYS A 442 10.02 -12.80 11.53
CA LYS A 442 10.61 -14.11 11.79
C LYS A 442 9.63 -14.98 12.58
N ASN A 443 8.99 -14.39 13.58
CA ASN A 443 7.99 -15.10 14.36
C ASN A 443 6.86 -15.63 13.45
N ALA A 444 6.44 -14.83 12.47
CA ALA A 444 5.34 -15.23 11.58
C ALA A 444 5.76 -16.34 10.66
N LEU A 445 6.90 -16.17 10.02
CA LEU A 445 7.40 -17.22 9.15
C LEU A 445 7.55 -18.56 9.87
N MET A 446 7.99 -18.49 11.12
CA MET A 446 8.23 -19.72 11.89
C MET A 446 6.90 -20.40 12.15
N GLU A 447 5.90 -19.60 12.49
CA GLU A 447 4.56 -20.14 12.70
C GLU A 447 4.07 -20.88 11.46
N VAL A 448 4.23 -20.32 10.27
CA VAL A 448 3.80 -21.07 9.09
C VAL A 448 4.72 -22.20 8.73
N ALA A 449 6.02 -22.01 8.95
CA ALA A 449 6.99 -23.06 8.69
C ALA A 449 6.69 -24.31 9.52
N ARG A 450 6.19 -24.11 10.72
CA ARG A 450 5.80 -25.23 11.57
C ARG A 450 4.55 -25.93 11.04
N LYS A 451 3.66 -25.20 10.39
CA LYS A 451 2.49 -25.83 9.79
C LYS A 451 2.97 -26.69 8.63
N LEU A 452 3.96 -26.20 7.89
CA LEU A 452 4.50 -26.96 6.78
C LEU A 452 5.22 -28.22 7.27
N LYS A 453 5.96 -28.10 8.37
CA LYS A 453 6.69 -29.24 8.95
C LYS A 453 5.72 -30.36 9.32
N GLN A 454 4.60 -29.97 9.91
CA GLN A 454 3.57 -30.94 10.26
C GLN A 454 3.01 -31.63 9.02
N TYR A 455 2.78 -30.84 7.97
CA TYR A 455 2.30 -31.39 6.73
C TYR A 455 3.29 -32.42 6.19
N LEU A 456 4.57 -32.04 6.12
CA LEU A 456 5.59 -32.91 5.55
C LEU A 456 5.75 -34.21 6.32
N SER A 457 5.71 -34.10 7.64
CA SER A 457 5.83 -35.25 8.54
C SER A 457 4.61 -36.22 8.42
N GLU A 458 3.41 -35.66 8.28
CA GLU A 458 2.22 -36.50 8.08
C GLU A 458 2.25 -37.17 6.71
N LYS A 459 2.66 -36.42 5.69
CA LYS A 459 2.78 -36.98 4.35
C LYS A 459 3.80 -38.11 4.31
N ARG A 460 4.96 -37.89 4.91
CA ARG A 460 6.01 -38.91 4.87
C ARG A 460 5.54 -40.15 5.63
N LYS A 461 4.83 -39.95 6.73
CA LYS A 461 4.27 -41.06 7.48
C LYS A 461 3.26 -41.86 6.63
N GLU A 462 2.35 -41.17 5.94
CA GLU A 462 1.41 -41.84 5.07
C GLU A 462 2.13 -42.64 3.98
N GLN A 463 3.15 -42.03 3.37
CA GLN A 463 3.92 -42.74 2.33
C GLN A 463 4.59 -44.01 2.85
N GLU A 464 5.24 -43.90 3.99
CA GLU A 464 5.95 -45.04 4.56
C GLU A 464 4.96 -46.15 4.94
N ALA A 465 3.78 -45.76 5.38
CA ALA A 465 2.76 -46.74 5.77
C ALA A 465 2.29 -47.54 4.56
N LYS A 466 2.08 -46.85 3.45
CA LYS A 466 1.66 -47.55 2.24
C LYS A 466 2.77 -48.45 1.75
N LYS A 467 4.00 -47.96 1.80
CA LYS A 467 5.12 -48.75 1.33
C LYS A 467 5.32 -49.98 2.19
N LYS A 468 5.19 -49.83 3.50
CA LYS A 468 5.48 -50.94 4.37
C LYS A 468 4.30 -51.85 4.70
N LEU A 469 3.08 -51.35 4.59
CA LEU A 469 1.92 -52.12 5.02
C LEU A 469 0.99 -52.54 3.91
N LEU A 470 1.02 -51.85 2.78
CA LEU A 470 0.13 -52.20 1.69
C LEU A 470 0.81 -53.09 0.69
N ALA A 471 0.05 -53.95 0.02
CA ALA A 471 0.63 -54.86 -0.95
C ALA A 471 0.93 -54.12 -2.25
CA CA B . -1.39 5.47 -3.06
CA CA C . 18.53 -20.67 5.07
#